data_2WBM
#
_entry.id   2WBM
#
_cell.length_a   68.300
_cell.length_b   72.108
_cell.length_c   146.829
_cell.angle_alpha   90.00
_cell.angle_beta   90.00
_cell.angle_gamma   90.00
#
_symmetry.space_group_name_H-M   'P 2 2 21'
#
loop_
_entity.id
_entity.type
_entity.pdbx_description
1 polymer 'RIBOSOME MATURATION PROTEIN SDO1 HOMOLOG'
2 non-polymer GLYCEROL
3 non-polymer 'SULFATE ION'
4 non-polymer 'CHLORIDE ION'
5 water water
#
_entity_poly.entity_id   1
_entity_poly.type   'polypeptide(L)'
_entity_poly.pdbx_seq_one_letter_code
;MGSSHHHHHHSSGLVPRGSHMVSLEDAVIARLESHGERFEVLVDPDLAAEFRREDSDVSVEDVLAVQEVFRDARKGDKAS
EEAMRKVFETADPLEVTPVILRRGTIQLTAEQRRQMIEDKRLKIINKIAREAINPQNGLPHPPKRIEKAMEEARVHVDPF
KTVDEQVNIVLKAIRTKIPIKFEKVRVAIKIPGEMAGSAYGVISNFGKITNEEWQNDGSWIAVVEIPGGLQDSFYQKLSE
LTGGNVETRLIK
;
_entity_poly.pdbx_strand_id   A,B
#
loop_
_chem_comp.id
_chem_comp.type
_chem_comp.name
_chem_comp.formula
CL non-polymer 'CHLORIDE ION' 'Cl -1'
GOL non-polymer GLYCEROL 'C3 H8 O3'
SO4 non-polymer 'SULFATE ION' 'O4 S -2'
#
# COMPACT_ATOMS: atom_id res chain seq x y z
N SER A 19 16.61 16.00 -26.67
CA SER A 19 15.55 16.54 -25.79
C SER A 19 14.51 15.47 -25.45
N HIS A 20 14.29 15.25 -24.15
CA HIS A 20 13.47 14.13 -23.69
C HIS A 20 11.95 14.39 -23.78
N MET A 21 11.20 13.32 -23.99
CA MET A 21 9.75 13.33 -23.78
C MET A 21 9.23 11.90 -23.62
N VAL A 22 8.21 11.73 -22.78
CA VAL A 22 7.50 10.46 -22.75
C VAL A 22 6.61 10.37 -23.97
N SER A 23 6.67 9.23 -24.65
CA SER A 23 5.70 8.93 -25.71
C SER A 23 4.33 8.75 -25.06
N LEU A 24 3.28 9.00 -25.84
CA LEU A 24 1.92 8.80 -25.33
C LEU A 24 1.63 7.33 -25.01
N GLU A 25 2.37 6.44 -25.65
CA GLU A 25 2.29 5.01 -25.41
C GLU A 25 2.89 4.68 -24.03
N ASP A 26 3.93 5.41 -23.66
CA ASP A 26 4.66 5.13 -22.43
C ASP A 26 4.11 5.92 -21.24
N ALA A 27 3.33 6.97 -21.50
CA ALA A 27 2.74 7.76 -20.41
C ALA A 27 1.83 6.88 -19.60
N VAL A 28 1.85 7.09 -18.28
CA VAL A 28 0.96 6.39 -17.35
C VAL A 28 0.07 7.45 -16.73
N ILE A 29 -0.93 7.00 -15.99
CA ILE A 29 -1.85 7.92 -15.36
C ILE A 29 -1.55 8.03 -13.86
N ALA A 30 -1.47 9.25 -13.36
CA ALA A 30 -1.50 9.48 -11.91
C ALA A 30 -2.91 9.96 -11.57
N ARG A 31 -3.51 9.31 -10.59
CA ARG A 31 -4.92 9.51 -10.27
C ARG A 31 -5.07 9.90 -8.80
N LEU A 32 -5.94 10.87 -8.52
CA LEU A 32 -6.32 11.17 -7.17
C LEU A 32 -7.83 11.27 -7.11
N GLU A 33 -8.44 10.59 -6.13
CA GLU A 33 -9.89 10.63 -5.92
C GLU A 33 -10.25 11.46 -4.71
N SER A 34 -11.21 12.37 -4.87
CA SER A 34 -11.76 13.10 -3.73
C SER A 34 -13.27 12.95 -3.76
N HIS A 35 -13.81 12.39 -2.69
CA HIS A 35 -15.24 12.15 -2.55
C HIS A 35 -15.86 11.49 -3.80
N GLY A 36 -15.16 10.52 -4.36
CA GLY A 36 -15.66 9.72 -5.48
C GLY A 36 -15.39 10.34 -6.84
N GLU A 37 -14.77 11.51 -6.86
CA GLU A 37 -14.41 12.17 -8.12
C GLU A 37 -12.92 11.99 -8.44
N ARG A 38 -12.62 11.42 -9.61
CA ARG A 38 -11.24 11.27 -10.07
C ARG A 38 -10.68 12.47 -10.83
N PHE A 39 -9.43 12.75 -10.54
CA PHE A 39 -8.60 13.74 -11.22
C PHE A 39 -7.36 13.00 -11.65
N GLU A 40 -7.00 13.11 -12.92
CA GLU A 40 -5.94 12.30 -13.51
C GLU A 40 -5.05 13.17 -14.38
N VAL A 41 -3.77 12.81 -14.39
CA VAL A 41 -2.82 13.44 -15.31
C VAL A 41 -2.00 12.38 -16.03
N LEU A 42 -1.51 12.71 -17.22
CA LEU A 42 -0.72 11.80 -18.03
C LEU A 42 0.73 12.18 -17.80
N VAL A 43 1.53 11.20 -17.36
CA VAL A 43 2.89 11.47 -16.89
C VAL A 43 3.94 10.47 -17.37
N ASP A 44 5.17 10.94 -17.48
CA ASP A 44 6.32 10.09 -17.72
C ASP A 44 6.51 9.22 -16.47
N PRO A 45 6.51 7.89 -16.62
CA PRO A 45 6.51 7.05 -15.42
C PRO A 45 7.83 7.12 -14.65
N ASP A 46 8.94 7.25 -15.38
CA ASP A 46 10.26 7.32 -14.74
C ASP A 46 10.38 8.64 -13.98
N LEU A 47 9.99 9.73 -14.63
CA LEU A 47 10.09 11.04 -13.99
C LEU A 47 9.08 11.20 -12.86
N ALA A 48 7.89 10.62 -13.03
CA ALA A 48 6.87 10.61 -11.97
C ALA A 48 7.41 9.87 -10.74
N ALA A 49 8.08 8.73 -10.94
CA ALA A 49 8.65 7.99 -9.82
C ALA A 49 9.72 8.81 -9.10
N GLU A 50 10.56 9.51 -9.87
CA GLU A 50 11.61 10.36 -9.31
C GLU A 50 11.02 11.53 -8.52
N PHE A 51 9.97 12.13 -9.07
CA PHE A 51 9.27 13.27 -8.46
C PHE A 51 8.74 12.91 -7.08
N ARG A 52 8.25 11.68 -6.94
CA ARG A 52 7.75 11.16 -5.66
C ARG A 52 8.82 10.99 -4.58
N ARG A 53 10.09 10.88 -4.97
CA ARG A 53 11.17 10.71 -4.00
C ARG A 53 11.45 11.99 -3.22
N GLU A 54 12.00 11.82 -2.03
CA GLU A 54 12.45 12.91 -1.19
C GLU A 54 13.53 13.71 -1.91
N ASP A 55 13.41 15.03 -1.86
CA ASP A 55 14.49 15.94 -2.30
C ASP A 55 14.78 15.85 -3.80
N SER A 56 13.78 15.47 -4.59
CA SER A 56 13.95 15.34 -6.03
C SER A 56 14.09 16.70 -6.72
N ASP A 57 14.93 16.76 -7.75
CA ASP A 57 15.12 17.97 -8.54
C ASP A 57 14.31 18.00 -9.84
N VAL A 58 13.50 16.97 -10.05
CA VAL A 58 12.67 16.85 -11.25
C VAL A 58 11.53 17.86 -11.19
N SER A 59 11.38 18.67 -12.23
CA SER A 59 10.30 19.65 -12.28
C SER A 59 8.99 19.03 -12.77
N VAL A 60 7.89 19.52 -12.23
CA VAL A 60 6.57 19.04 -12.62
C VAL A 60 6.33 19.19 -14.12
N GLU A 61 6.86 20.27 -14.72
CA GLU A 61 6.72 20.51 -16.16
C GLU A 61 7.36 19.37 -16.97
N ASP A 62 8.43 18.79 -16.47
CA ASP A 62 9.06 17.67 -17.18
C ASP A 62 8.32 16.35 -16.97
N VAL A 63 7.56 16.23 -15.90
CA VAL A 63 6.80 15.02 -15.60
C VAL A 63 5.56 14.89 -16.52
N LEU A 64 4.88 16.00 -16.77
CA LEU A 64 3.60 15.98 -17.50
C LEU A 64 3.75 15.77 -18.99
N ALA A 65 2.98 14.84 -19.55
CA ALA A 65 2.91 14.65 -21.00
C ALA A 65 2.18 15.84 -21.69
N VAL A 66 1.13 16.31 -21.03
CA VAL A 66 0.39 17.52 -21.42
C VAL A 66 -0.02 18.22 -20.12
N GLN A 67 -0.10 19.55 -20.14
CA GLN A 67 -0.47 20.27 -18.93
C GLN A 67 -1.98 20.40 -18.82
N GLU A 68 -2.64 19.27 -18.62
CA GLU A 68 -4.12 19.24 -18.54
C GLU A 68 -4.49 18.28 -17.43
N VAL A 69 -5.55 18.63 -16.70
CA VAL A 69 -6.05 17.75 -15.64
C VAL A 69 -7.34 17.12 -16.17
N PHE A 70 -7.36 15.79 -16.15
CA PHE A 70 -8.50 15.05 -16.67
C PHE A 70 -9.41 14.55 -15.56
N ARG A 71 -10.68 14.35 -15.89
CA ARG A 71 -11.55 13.53 -15.07
C ARG A 71 -11.24 12.07 -15.39
N ASP A 72 -11.03 11.77 -16.67
CA ASP A 72 -10.61 10.43 -17.08
C ASP A 72 -9.64 10.58 -18.23
N ALA A 73 -8.38 10.29 -17.96
CA ALA A 73 -7.31 10.58 -18.92
C ALA A 73 -7.31 9.67 -20.13
N ARG A 74 -7.83 8.46 -20.01
CA ARG A 74 -7.89 7.62 -21.18
CA ARG A 74 -7.96 7.54 -21.14
C ARG A 74 -9.09 7.98 -22.06
N LYS A 75 -10.18 8.44 -21.45
CA LYS A 75 -11.37 8.78 -22.23
C LYS A 75 -11.33 10.23 -22.72
N GLY A 76 -10.46 11.02 -22.11
CA GLY A 76 -10.20 12.38 -22.56
C GLY A 76 -11.14 13.45 -22.02
N ASP A 77 -11.99 13.06 -21.06
CA ASP A 77 -12.87 13.99 -20.35
CA ASP A 77 -12.83 14.08 -20.43
C ASP A 77 -12.05 14.85 -19.37
N LYS A 78 -12.14 16.18 -19.47
CA LYS A 78 -11.29 17.04 -18.65
C LYS A 78 -12.00 17.73 -17.51
N ALA A 79 -11.24 18.02 -16.46
CA ALA A 79 -11.81 18.58 -15.24
C ALA A 79 -12.17 20.05 -15.40
N SER A 80 -13.26 20.45 -14.74
CA SER A 80 -13.66 21.85 -14.71
C SER A 80 -12.74 22.65 -13.77
N GLU A 81 -12.57 23.90 -14.10
CA GLU A 81 -11.81 24.76 -13.20
C GLU A 81 -12.49 24.84 -11.83
N GLU A 82 -13.83 24.83 -11.80
CA GLU A 82 -14.58 24.91 -10.56
CA GLU A 82 -14.56 24.92 -10.54
C GLU A 82 -14.30 23.69 -9.67
N ALA A 83 -14.32 22.50 -10.26
CA ALA A 83 -14.06 21.27 -9.51
C ALA A 83 -12.65 21.25 -8.93
N MET A 84 -11.68 21.71 -9.72
CA MET A 84 -10.30 21.76 -9.24
C MET A 84 -10.15 22.74 -8.08
N ARG A 85 -10.80 23.90 -8.19
CA ARG A 85 -10.77 24.89 -7.11
C ARG A 85 -11.41 24.33 -5.85
N LYS A 86 -12.49 23.56 -6.00
CA LYS A 86 -13.17 22.96 -4.85
C LYS A 86 -12.23 21.99 -4.13
N VAL A 87 -11.53 21.16 -4.90
CA VAL A 87 -10.71 20.07 -4.33
C VAL A 87 -9.29 20.49 -3.94
N PHE A 88 -8.66 21.28 -4.81
CA PHE A 88 -7.25 21.66 -4.67
C PHE A 88 -7.02 23.12 -4.28
N GLU A 89 -8.08 23.93 -4.31
CA GLU A 89 -8.00 25.40 -4.07
C GLU A 89 -7.18 26.13 -5.15
N THR A 90 -7.03 25.48 -6.30
CA THR A 90 -6.36 26.05 -7.47
C THR A 90 -6.86 25.33 -8.72
N ALA A 91 -6.90 26.04 -9.85
CA ALA A 91 -7.24 25.40 -11.12
C ALA A 91 -6.01 25.32 -12.04
N ASP A 92 -4.85 25.69 -11.51
CA ASP A 92 -3.59 25.63 -12.24
C ASP A 92 -3.09 24.18 -12.32
N PRO A 93 -3.05 23.60 -13.52
CA PRO A 93 -2.55 22.20 -13.66
C PRO A 93 -1.15 21.98 -13.10
N LEU A 94 -0.30 23.02 -13.10
CA LEU A 94 1.05 22.88 -12.56
C LEU A 94 1.04 22.89 -11.03
N GLU A 95 -0.06 23.34 -10.44
CA GLU A 95 -0.20 23.34 -8.98
C GLU A 95 -1.01 22.13 -8.52
N VAL A 96 -1.92 21.68 -9.37
CA VAL A 96 -2.71 20.48 -9.06
C VAL A 96 -1.87 19.21 -9.17
N THR A 97 -1.06 19.13 -10.23
CA THR A 97 -0.30 17.92 -10.54
C THR A 97 0.61 17.41 -9.40
N PRO A 98 1.37 18.30 -8.72
CA PRO A 98 2.21 17.80 -7.61
C PRO A 98 1.40 17.12 -6.52
N VAL A 99 0.17 17.60 -6.28
CA VAL A 99 -0.71 16.98 -5.28
C VAL A 99 -1.15 15.58 -5.77
N ILE A 100 -1.53 15.49 -7.03
CA ILE A 100 -1.93 14.19 -7.59
C ILE A 100 -0.75 13.21 -7.52
N LEU A 101 0.43 13.68 -7.92
CA LEU A 101 1.62 12.81 -7.87
C LEU A 101 2.00 12.35 -6.45
N ARG A 102 1.91 13.26 -5.49
CA ARG A 102 2.36 12.95 -4.15
C ARG A 102 1.33 12.21 -3.31
N ARG A 103 0.04 12.42 -3.59
CA ARG A 103 -1.03 11.85 -2.75
C ARG A 103 -1.82 10.75 -3.44
N GLY A 104 -1.64 10.64 -4.75
CA GLY A 104 -2.47 9.75 -5.58
C GLY A 104 -1.83 8.40 -5.89
N THR A 105 -2.41 7.73 -6.87
CA THR A 105 -1.98 6.38 -7.27
C THR A 105 -1.48 6.44 -8.71
N ILE A 106 -0.86 5.35 -9.16
CA ILE A 106 -0.40 5.23 -10.54
C ILE A 106 -1.21 4.11 -11.19
N GLN A 107 -1.75 4.40 -12.37
CA GLN A 107 -2.56 3.43 -13.10
C GLN A 107 -1.83 3.03 -14.36
N LEU A 108 -1.67 1.72 -14.52
CA LEU A 108 -0.96 1.11 -15.63
C LEU A 108 -1.89 0.24 -16.44
N THR A 109 -1.63 0.13 -17.75
CA THR A 109 -2.33 -0.87 -18.57
C THR A 109 -1.67 -2.22 -18.29
N ALA A 110 -2.32 -3.31 -18.72
CA ALA A 110 -1.72 -4.64 -18.53
C ALA A 110 -0.37 -4.73 -19.24
N GLU A 111 -0.32 -4.22 -20.46
CA GLU A 111 0.93 -4.26 -21.21
C GLU A 111 2.06 -3.45 -20.53
N GLN A 112 1.70 -2.28 -19.99
CA GLN A 112 2.68 -1.41 -19.33
C GLN A 112 3.22 -2.07 -18.08
N ARG A 113 2.34 -2.65 -17.28
CA ARG A 113 2.80 -3.37 -16.09
C ARG A 113 3.77 -4.50 -16.44
N ARG A 114 3.43 -5.29 -17.47
CA ARG A 114 4.28 -6.43 -17.89
CA ARG A 114 4.25 -6.43 -17.94
C ARG A 114 5.64 -5.93 -18.36
N GLN A 115 5.64 -4.93 -19.23
CA GLN A 115 6.87 -4.38 -19.77
C GLN A 115 7.74 -3.71 -18.72
N MET A 116 7.12 -2.96 -17.82
CA MET A 116 7.83 -2.26 -16.74
C MET A 116 8.45 -3.22 -15.73
N ILE A 117 7.71 -4.25 -15.33
CA ILE A 117 8.27 -5.26 -14.42
C ILE A 117 9.48 -5.92 -15.07
N GLU A 118 9.35 -6.33 -16.32
CA GLU A 118 10.44 -7.05 -17.00
C GLU A 118 11.68 -6.15 -17.11
N ASP A 119 11.47 -4.89 -17.49
CA ASP A 119 12.54 -3.91 -17.62
C ASP A 119 13.25 -3.71 -16.28
N LYS A 120 12.48 -3.49 -15.22
CA LYS A 120 13.05 -3.25 -13.90
C LYS A 120 13.71 -4.50 -13.32
N ARG A 121 13.10 -5.66 -13.56
CA ARG A 121 13.66 -6.95 -13.10
CA ARG A 121 13.67 -6.92 -13.07
C ARG A 121 15.09 -7.10 -13.61
N LEU A 122 15.29 -6.89 -14.92
CA LEU A 122 16.62 -7.03 -15.50
C LEU A 122 17.60 -6.00 -14.94
N LYS A 123 17.14 -4.75 -14.79
CA LYS A 123 18.00 -3.68 -14.29
C LYS A 123 18.41 -3.94 -12.84
N ILE A 124 17.48 -4.47 -12.05
CA ILE A 124 17.75 -4.82 -10.65
C ILE A 124 18.80 -5.95 -10.58
N ILE A 125 18.60 -7.00 -11.38
CA ILE A 125 19.55 -8.11 -11.41
C ILE A 125 20.95 -7.56 -11.73
N ASN A 126 21.02 -6.72 -12.77
CA ASN A 126 22.31 -6.20 -13.20
C ASN A 126 22.98 -5.30 -12.17
N LYS A 127 22.20 -4.44 -11.54
CA LYS A 127 22.73 -3.51 -10.54
C LYS A 127 23.26 -4.27 -9.34
N ILE A 128 22.49 -5.27 -8.88
CA ILE A 128 22.98 -6.12 -7.79
C ILE A 128 24.26 -6.87 -8.18
N ALA A 129 24.27 -7.46 -9.39
CA ALA A 129 25.44 -8.21 -9.86
C ALA A 129 26.67 -7.31 -9.98
N ARG A 130 26.45 -6.05 -10.35
CA ARG A 130 27.52 -5.06 -10.50
C ARG A 130 28.11 -4.66 -9.14
N GLU A 131 27.26 -4.46 -8.13
CA GLU A 131 27.72 -3.87 -6.87
C GLU A 131 28.13 -4.91 -5.83
N ALA A 132 27.63 -6.13 -5.98
CA ALA A 132 27.74 -7.14 -4.92
C ALA A 132 28.99 -8.00 -4.99
N ILE A 133 29.41 -8.49 -3.82
CA ILE A 133 30.35 -9.60 -3.75
C ILE A 133 29.79 -10.66 -2.81
N ASN A 134 30.37 -11.85 -2.89
CA ASN A 134 30.17 -12.89 -1.91
C ASN A 134 31.19 -12.58 -0.80
N PRO A 135 30.70 -12.17 0.40
CA PRO A 135 31.66 -11.79 1.44
C PRO A 135 32.55 -12.93 1.94
N GLN A 136 32.17 -14.18 1.63
CA GLN A 136 32.97 -15.34 2.04
C GLN A 136 34.28 -15.51 1.26
N ASN A 137 34.30 -15.10 -0.01
CA ASN A 137 35.49 -15.24 -0.83
C ASN A 137 35.92 -13.97 -1.56
N GLY A 138 35.11 -12.92 -1.44
CA GLY A 138 35.39 -11.61 -2.06
C GLY A 138 35.07 -11.52 -3.55
N LEU A 139 34.49 -12.59 -4.10
CA LEU A 139 34.24 -12.69 -5.55
C LEU A 139 32.85 -12.17 -5.97
N PRO A 140 32.70 -11.83 -7.27
CA PRO A 140 31.41 -11.38 -7.81
C PRO A 140 30.39 -12.52 -7.90
N HIS A 141 29.11 -12.16 -7.86
CA HIS A 141 28.04 -13.10 -8.20
C HIS A 141 27.65 -12.83 -9.65
N PRO A 142 27.66 -13.86 -10.51
CA PRO A 142 27.13 -13.65 -11.86
C PRO A 142 25.63 -13.25 -11.81
N PRO A 143 25.17 -12.48 -12.81
CA PRO A 143 23.73 -12.14 -12.92
C PRO A 143 22.80 -13.35 -12.74
N LYS A 144 23.13 -14.48 -13.37
CA LYS A 144 22.31 -15.70 -13.26
C LYS A 144 22.12 -16.16 -11.80
N ARG A 145 23.13 -15.96 -10.96
CA ARG A 145 23.06 -16.38 -9.55
C ARG A 145 22.12 -15.48 -8.76
N ILE A 146 22.19 -14.18 -9.04
CA ILE A 146 21.30 -13.20 -8.43
C ILE A 146 19.86 -13.52 -8.82
N GLU A 147 19.65 -13.79 -10.10
CA GLU A 147 18.32 -14.13 -10.61
C GLU A 147 17.76 -15.36 -9.89
N LYS A 148 18.59 -16.38 -9.72
CA LYS A 148 18.17 -17.61 -9.03
C LYS A 148 17.78 -17.35 -7.58
N ALA A 149 18.55 -16.48 -6.91
CA ALA A 149 18.28 -16.08 -5.54
C ALA A 149 16.93 -15.35 -5.42
N MET A 150 16.66 -14.45 -6.35
CA MET A 150 15.39 -13.72 -6.38
C MET A 150 14.21 -14.68 -6.51
N GLU A 151 14.36 -15.70 -7.35
CA GLU A 151 13.33 -16.72 -7.52
C GLU A 151 13.11 -17.50 -6.22
N GLU A 152 14.21 -17.94 -5.60
CA GLU A 152 14.15 -18.68 -4.33
C GLU A 152 13.48 -17.88 -3.23
N ALA A 153 13.73 -16.57 -3.21
CA ALA A 153 13.15 -15.69 -2.20
C ALA A 153 11.75 -15.21 -2.60
N ARG A 154 11.28 -15.63 -3.78
CA ARG A 154 9.97 -15.26 -4.33
C ARG A 154 9.78 -13.74 -4.39
N VAL A 155 10.81 -13.08 -4.89
CA VAL A 155 10.79 -11.64 -5.06
C VAL A 155 9.79 -11.24 -6.15
N HIS A 156 8.91 -10.29 -5.82
CA HIS A 156 8.03 -9.67 -6.79
C HIS A 156 8.57 -8.28 -7.10
N VAL A 157 8.97 -8.05 -8.34
CA VAL A 157 9.47 -6.76 -8.77
C VAL A 157 8.26 -5.82 -9.03
N ASP A 158 8.34 -4.59 -8.52
CA ASP A 158 7.30 -3.59 -8.76
C ASP A 158 7.49 -2.96 -10.12
N PRO A 159 6.38 -2.69 -10.85
CA PRO A 159 6.51 -2.01 -12.14
C PRO A 159 6.97 -0.54 -12.04
N PHE A 160 6.68 0.12 -10.91
CA PHE A 160 6.79 1.58 -10.86
C PHE A 160 7.93 2.12 -10.00
N LYS A 161 8.12 1.54 -8.82
CA LYS A 161 9.18 1.98 -7.91
C LYS A 161 10.51 2.02 -8.63
N THR A 162 11.32 3.04 -8.34
CA THR A 162 12.61 3.16 -9.03
C THR A 162 13.51 1.93 -8.81
N VAL A 163 14.34 1.64 -9.81
CA VAL A 163 15.33 0.58 -9.68
C VAL A 163 16.19 0.77 -8.42
N ASP A 164 16.63 2.01 -8.18
CA ASP A 164 17.42 2.34 -6.97
C ASP A 164 16.76 1.89 -5.68
N GLU A 165 15.48 2.25 -5.49
CA GLU A 165 14.75 1.83 -4.30
C GLU A 165 14.58 0.32 -4.23
N GLN A 166 14.26 -0.31 -5.36
CA GLN A 166 14.01 -1.74 -5.35
C GLN A 166 15.27 -2.57 -5.14
N VAL A 167 16.41 -2.06 -5.61
CA VAL A 167 17.67 -2.78 -5.42
C VAL A 167 17.88 -3.09 -3.94
N ASN A 168 17.67 -2.10 -3.08
CA ASN A 168 17.83 -2.30 -1.63
C ASN A 168 16.82 -3.26 -1.01
N ILE A 169 15.57 -3.18 -1.47
CA ILE A 169 14.52 -4.12 -1.06
C ILE A 169 14.88 -5.56 -1.47
N VAL A 170 15.26 -5.71 -2.73
CA VAL A 170 15.59 -7.04 -3.26
C VAL A 170 16.84 -7.61 -2.60
N LEU A 171 17.85 -6.77 -2.40
CA LEU A 171 19.07 -7.24 -1.74
C LEU A 171 18.74 -7.84 -0.37
N LYS A 172 17.90 -7.14 0.39
CA LYS A 172 17.49 -7.60 1.71
C LYS A 172 16.76 -8.94 1.64
N ALA A 173 15.91 -9.10 0.64
CA ALA A 173 15.17 -10.35 0.43
C ALA A 173 16.06 -11.55 0.07
N ILE A 174 17.09 -11.32 -0.74
CA ILE A 174 17.93 -12.43 -1.20
C ILE A 174 19.12 -12.79 -0.29
N ARG A 175 19.45 -11.89 0.65
CA ARG A 175 20.63 -12.10 1.50
C ARG A 175 20.49 -13.31 2.45
N THR A 176 19.26 -13.82 2.60
CA THR A 176 19.05 -15.07 3.35
C THR A 176 19.22 -16.29 2.45
N LYS A 177 19.22 -16.07 1.14
CA LYS A 177 19.40 -17.17 0.19
C LYS A 177 20.85 -17.35 -0.23
N ILE A 178 21.58 -16.26 -0.42
CA ILE A 178 23.01 -16.32 -0.75
C ILE A 178 23.84 -15.34 0.07
N PRO A 179 25.14 -15.65 0.25
CA PRO A 179 26.03 -14.74 0.95
C PRO A 179 26.29 -13.55 0.07
N ILE A 180 25.88 -12.37 0.50
CA ILE A 180 25.94 -11.20 -0.39
C ILE A 180 26.01 -9.88 0.36
N LYS A 181 26.79 -8.95 -0.20
CA LYS A 181 27.00 -7.64 0.36
C LYS A 181 27.42 -6.74 -0.79
N PHE A 182 26.99 -5.48 -0.76
CA PHE A 182 27.52 -4.46 -1.67
C PHE A 182 28.86 -4.00 -1.13
N GLU A 183 29.88 -4.03 -1.98
CA GLU A 183 31.22 -3.62 -1.57
C GLU A 183 32.03 -3.19 -2.76
N LYS A 184 32.69 -2.04 -2.63
CA LYS A 184 33.65 -1.61 -3.63
C LYS A 184 34.95 -2.35 -3.32
N VAL A 185 35.73 -2.62 -4.35
CA VAL A 185 37.06 -3.22 -4.17
C VAL A 185 38.09 -2.37 -4.88
N ARG A 186 39.34 -2.48 -4.47
CA ARG A 186 40.43 -1.75 -5.12
C ARG A 186 41.35 -2.73 -5.82
N VAL A 187 41.62 -2.44 -7.09
CA VAL A 187 42.41 -3.31 -7.92
C VAL A 187 43.64 -2.51 -8.38
N ALA A 188 44.81 -3.11 -8.22
CA ALA A 188 46.02 -2.47 -8.74
C ALA A 188 46.28 -3.09 -10.11
N ILE A 189 46.46 -2.23 -11.10
CA ILE A 189 46.75 -2.73 -12.44
C ILE A 189 48.10 -2.20 -12.90
N LYS A 190 48.75 -2.96 -13.77
CA LYS A 190 50.02 -2.57 -14.36
CA LYS A 190 49.98 -2.51 -14.38
C LYS A 190 49.89 -2.78 -15.85
N ILE A 191 50.09 -1.72 -16.63
CA ILE A 191 49.99 -1.87 -18.08
C ILE A 191 51.13 -1.15 -18.77
N PRO A 192 51.43 -1.54 -20.01
CA PRO A 192 52.51 -0.86 -20.70
C PRO A 192 52.21 0.61 -20.87
N GLY A 193 53.25 1.44 -20.85
CA GLY A 193 53.09 2.90 -20.93
C GLY A 193 52.32 3.41 -22.14
N GLU A 194 52.48 2.71 -23.27
CA GLU A 194 51.80 3.03 -24.53
C GLU A 194 50.27 2.99 -24.42
N MET A 195 49.79 2.21 -23.47
CA MET A 195 48.36 1.94 -23.30
C MET A 195 47.71 2.76 -22.19
N ALA A 196 48.49 3.61 -21.53
CA ALA A 196 47.96 4.31 -20.37
C ALA A 196 46.82 5.26 -20.72
N GLY A 197 47.03 6.07 -21.75
CA GLY A 197 45.99 6.97 -22.27
C GLY A 197 44.71 6.21 -22.58
N SER A 198 44.83 5.13 -23.34
CA SER A 198 43.70 4.27 -23.70
C SER A 198 43.02 3.59 -22.50
N ALA A 199 43.82 3.15 -21.53
CA ALA A 199 43.30 2.50 -20.33
C ALA A 199 42.47 3.45 -19.46
N TYR A 200 42.87 4.71 -19.43
CA TYR A 200 42.11 5.72 -18.69
C TYR A 200 40.65 5.73 -19.14
N GLY A 201 40.42 5.67 -20.45
CA GLY A 201 39.07 5.63 -21.00
C GLY A 201 38.29 4.38 -20.60
N VAL A 202 38.96 3.23 -20.64
CA VAL A 202 38.33 1.96 -20.23
C VAL A 202 37.98 1.99 -18.75
N ILE A 203 38.93 2.44 -17.95
CA ILE A 203 38.79 2.50 -16.49
C ILE A 203 37.57 3.35 -16.11
N SER A 204 37.34 4.43 -16.85
CA SER A 204 36.29 5.35 -16.48
CA SER A 204 36.27 5.39 -16.60
C SER A 204 34.88 4.76 -16.63
N ASN A 205 34.75 3.69 -17.41
CA ASN A 205 33.52 2.94 -17.46
C ASN A 205 33.33 2.08 -16.20
N PHE A 206 34.42 1.74 -15.52
CA PHE A 206 34.37 0.81 -14.40
C PHE A 206 34.47 1.43 -13.01
N GLY A 207 35.34 2.41 -12.86
CA GLY A 207 35.53 2.99 -11.56
C GLY A 207 36.38 4.24 -11.56
N LYS A 208 36.94 4.52 -10.40
CA LYS A 208 37.68 5.76 -10.17
C LYS A 208 39.12 5.44 -9.81
N ILE A 209 40.05 6.16 -10.43
CA ILE A 209 41.49 6.00 -10.11
C ILE A 209 41.79 6.73 -8.81
N THR A 210 42.27 5.97 -7.82
CA THR A 210 42.60 6.57 -6.51
C THR A 210 44.09 6.92 -6.43
N ASN A 211 44.90 6.18 -7.18
CA ASN A 211 46.35 6.41 -7.22
C ASN A 211 46.84 5.94 -8.59
N GLU A 212 47.86 6.61 -9.11
CA GLU A 212 48.50 6.16 -10.33
C GLU A 212 49.92 6.67 -10.38
N GLU A 213 50.81 5.83 -10.91
CA GLU A 213 52.25 6.14 -10.88
C GLU A 213 52.93 5.58 -12.10
N TRP A 214 53.58 6.47 -12.85
CA TRP A 214 54.48 6.01 -13.91
C TRP A 214 55.68 5.30 -13.28
N GLN A 215 56.04 4.14 -13.84
CA GLN A 215 57.11 3.30 -13.31
C GLN A 215 58.44 3.61 -13.98
N ASN A 216 59.52 3.34 -13.26
CA ASN A 216 60.91 3.41 -13.73
CA ASN A 216 60.81 3.60 -13.86
C ASN A 216 61.13 2.73 -15.08
N ASP A 217 60.39 1.65 -15.31
CA ASP A 217 60.60 0.85 -16.53
C ASP A 217 59.67 1.27 -17.68
N GLY A 218 58.92 2.36 -17.49
CA GLY A 218 58.05 2.91 -18.54
C GLY A 218 56.62 2.41 -18.49
N SER A 219 56.33 1.45 -17.63
CA SER A 219 54.95 1.00 -17.45
C SER A 219 54.17 1.96 -16.55
N TRP A 220 52.86 1.74 -16.43
CA TRP A 220 52.01 2.62 -15.66
C TRP A 220 51.17 1.77 -14.73
N ILE A 221 51.17 2.13 -13.46
CA ILE A 221 50.35 1.43 -12.48
C ILE A 221 49.21 2.35 -12.06
N ALA A 222 48.00 1.79 -11.96
CA ALA A 222 46.87 2.54 -11.41
C ALA A 222 46.17 1.68 -10.39
N VAL A 223 45.73 2.31 -9.32
CA VAL A 223 44.84 1.68 -8.35
C VAL A 223 43.44 2.20 -8.66
N VAL A 224 42.50 1.28 -8.89
CA VAL A 224 41.15 1.63 -9.33
C VAL A 224 40.14 1.07 -8.35
N GLU A 225 39.25 1.93 -7.87
CA GLU A 225 38.15 1.48 -7.02
C GLU A 225 36.97 1.17 -7.93
N ILE A 226 36.50 -0.07 -7.88
CA ILE A 226 35.37 -0.51 -8.71
C ILE A 226 34.27 -1.13 -7.86
N PRO A 227 33.01 -1.12 -8.36
CA PRO A 227 31.96 -1.93 -7.76
C PRO A 227 32.45 -3.37 -7.73
N GLY A 228 32.28 -4.04 -6.59
CA GLY A 228 32.91 -5.36 -6.41
C GLY A 228 32.48 -6.44 -7.39
N GLY A 229 31.28 -6.32 -7.94
CA GLY A 229 30.75 -7.32 -8.86
C GLY A 229 31.35 -7.24 -10.26
N LEU A 230 32.16 -6.21 -10.51
CA LEU A 230 32.77 -5.99 -11.83
C LEU A 230 34.21 -6.49 -11.97
N GLN A 231 34.70 -7.20 -10.96
CA GLN A 231 36.11 -7.65 -10.95
C GLN A 231 36.49 -8.42 -12.22
N ASP A 232 35.64 -9.35 -12.64
CA ASP A 232 35.96 -10.19 -13.80
C ASP A 232 35.78 -9.44 -15.13
N SER A 233 34.72 -8.64 -15.24
CA SER A 233 34.48 -7.83 -16.43
CA SER A 233 34.51 -7.87 -16.47
C SER A 233 35.62 -6.83 -16.64
N PHE A 234 36.08 -6.26 -15.54
CA PHE A 234 37.17 -5.27 -15.56
C PHE A 234 38.45 -5.90 -16.10
N TYR A 235 38.79 -7.07 -15.56
CA TYR A 235 39.96 -7.78 -16.03
C TYR A 235 39.81 -8.11 -17.52
N GLN A 236 38.64 -8.61 -17.92
CA GLN A 236 38.41 -8.99 -19.31
C GLN A 236 38.59 -7.81 -20.27
N LYS A 237 38.05 -6.64 -19.93
CA LYS A 237 38.13 -5.47 -20.79
C LYS A 237 39.57 -4.98 -20.92
N LEU A 238 40.28 -4.98 -19.79
CA LEU A 238 41.69 -4.56 -19.77
C LEU A 238 42.56 -5.51 -20.58
N SER A 239 42.32 -6.81 -20.40
CA SER A 239 43.08 -7.80 -21.14
C SER A 239 42.83 -7.66 -22.65
N GLU A 240 41.58 -7.42 -23.03
CA GLU A 240 41.24 -7.24 -24.44
C GLU A 240 41.89 -5.99 -25.03
N LEU A 241 41.87 -4.91 -24.27
CA LEU A 241 42.52 -3.65 -24.65
C LEU A 241 44.02 -3.81 -24.92
N THR A 242 44.70 -4.47 -23.98
CA THR A 242 46.15 -4.53 -23.95
C THR A 242 46.65 -5.78 -24.64
N GLY A 243 45.73 -6.54 -25.23
CA GLY A 243 46.06 -7.80 -25.89
C GLY A 243 46.78 -8.75 -24.94
N GLY A 244 46.37 -8.76 -23.68
CA GLY A 244 46.94 -9.65 -22.68
C GLY A 244 48.10 -9.05 -21.91
N ASN A 245 48.53 -7.86 -22.30
CA ASN A 245 49.65 -7.20 -21.64
C ASN A 245 49.20 -6.39 -20.44
N VAL A 246 48.71 -7.09 -19.43
CA VAL A 246 48.19 -6.46 -18.22
C VAL A 246 48.42 -7.38 -17.03
N GLU A 247 48.63 -6.77 -15.87
CA GLU A 247 48.78 -7.49 -14.64
C GLU A 247 47.80 -6.84 -13.66
N THR A 248 47.00 -7.64 -12.96
CA THR A 248 46.05 -7.08 -11.98
C THR A 248 46.12 -7.85 -10.68
N ARG A 249 45.78 -7.18 -9.58
CA ARG A 249 45.65 -7.86 -8.30
C ARG A 249 44.73 -7.06 -7.42
N LEU A 250 44.06 -7.74 -6.50
CA LEU A 250 43.24 -7.07 -5.49
C LEU A 250 44.12 -6.50 -4.41
N ILE A 251 43.82 -5.29 -3.96
CA ILE A 251 44.74 -4.60 -3.08
C ILE A 251 44.82 -5.19 -1.68
N LYS A 252 46.07 -5.54 -1.34
CA LYS A 252 46.58 -5.92 0.00
C LYS A 252 47.35 -7.26 -0.01
N MET B 21 -33.83 4.43 23.56
CA MET B 21 -33.32 5.64 24.25
C MET B 21 -31.98 6.10 23.67
N VAL B 22 -31.79 7.42 23.63
CA VAL B 22 -30.52 8.05 23.24
C VAL B 22 -30.12 9.06 24.33
N SER B 23 -28.89 8.94 24.84
CA SER B 23 -28.36 9.89 25.84
C SER B 23 -27.98 11.23 25.20
N LEU B 24 -28.00 12.30 25.99
CA LEU B 24 -27.92 13.67 25.43
C LEU B 24 -26.52 14.22 25.12
N GLU B 25 -25.56 13.99 26.01
CA GLU B 25 -24.20 14.46 25.74
C GLU B 25 -23.51 13.67 24.62
N ASP B 26 -23.94 12.43 24.41
CA ASP B 26 -23.48 11.67 23.23
C ASP B 26 -24.47 11.70 22.04
N ALA B 27 -25.43 12.62 22.10
CA ALA B 27 -26.24 12.96 20.92
C ALA B 27 -25.50 14.04 20.14
N VAL B 28 -25.83 14.18 18.86
CA VAL B 28 -25.26 15.23 18.01
C VAL B 28 -26.35 16.14 17.46
N ILE B 29 -25.94 17.29 16.94
CA ILE B 29 -26.87 18.27 16.39
C ILE B 29 -27.07 18.03 14.89
N ALA B 30 -28.34 17.96 14.48
CA ALA B 30 -28.69 18.01 13.07
C ALA B 30 -29.30 19.40 12.84
N ARG B 31 -28.77 20.11 11.86
CA ARG B 31 -29.11 21.52 11.66
C ARG B 31 -29.68 21.77 10.27
N LEU B 32 -30.73 22.59 10.20
CA LEU B 32 -31.17 23.13 8.92
C LEU B 32 -31.39 24.63 9.04
N GLU B 33 -30.88 25.37 8.07
CA GLU B 33 -31.12 26.81 8.01
C GLU B 33 -31.98 27.17 6.80
N SER B 34 -32.89 28.11 7.01
CA SER B 34 -33.71 28.64 5.93
C SER B 34 -34.26 30.01 6.32
N HIS B 35 -34.26 30.94 5.36
CA HIS B 35 -34.77 32.30 5.56
C HIS B 35 -34.19 33.00 6.79
N GLY B 36 -32.89 32.79 7.01
CA GLY B 36 -32.19 33.39 8.15
C GLY B 36 -32.54 32.77 9.49
N GLU B 37 -33.23 31.63 9.46
CA GLU B 37 -33.68 30.95 10.67
C GLU B 37 -32.94 29.63 10.80
N ARG B 38 -32.53 29.31 12.03
CA ARG B 38 -31.82 28.06 12.30
C ARG B 38 -32.70 27.07 13.05
N PHE B 39 -32.69 25.82 12.62
CA PHE B 39 -33.46 24.76 13.27
C PHE B 39 -32.55 23.61 13.61
N GLU B 40 -32.59 23.19 14.87
CA GLU B 40 -31.69 22.12 15.36
C GLU B 40 -32.45 21.04 16.10
N VAL B 41 -32.09 19.80 15.84
CA VAL B 41 -32.58 18.66 16.62
C VAL B 41 -31.41 17.83 17.15
N LEU B 42 -31.63 17.16 18.28
CA LEU B 42 -30.60 16.32 18.88
C LEU B 42 -30.86 14.88 18.48
N VAL B 43 -29.84 14.26 17.90
CA VAL B 43 -29.98 12.94 17.22
C VAL B 43 -28.80 12.01 17.48
N ASP B 44 -29.05 10.71 17.36
CA ASP B 44 -27.97 9.71 17.32
C ASP B 44 -27.19 9.88 16.03
N PRO B 45 -25.85 10.07 16.13
CA PRO B 45 -24.99 10.38 14.98
C PRO B 45 -25.00 9.33 13.88
N ASP B 46 -24.99 8.05 14.27
CA ASP B 46 -24.89 6.96 13.31
C ASP B 46 -26.23 6.67 12.67
N LEU B 47 -27.29 6.76 13.45
CA LEU B 47 -28.66 6.64 12.95
C LEU B 47 -29.02 7.79 12.00
N ALA B 48 -28.60 9.00 12.34
CA ALA B 48 -28.77 10.16 11.45
C ALA B 48 -28.07 9.94 10.10
N ALA B 49 -26.84 9.44 10.16
CA ALA B 49 -26.08 9.05 8.97
C ALA B 49 -26.79 7.92 8.20
N GLU B 50 -27.41 7.00 8.95
CA GLU B 50 -28.13 5.86 8.36
C GLU B 50 -29.44 6.27 7.69
N PHE B 51 -30.11 7.27 8.27
CA PHE B 51 -31.37 7.81 7.74
C PHE B 51 -31.22 8.30 6.30
N ARG B 52 -30.05 8.86 5.98
CA ARG B 52 -29.68 9.20 4.61
C ARG B 52 -29.22 7.97 3.84
N VAL B 58 -34.58 2.68 9.25
CA VAL B 58 -34.45 3.40 10.52
C VAL B 58 -35.52 4.49 10.66
N SER B 59 -36.35 4.35 11.69
CA SER B 59 -37.45 5.30 11.93
C SER B 59 -36.95 6.64 12.47
N VAL B 60 -37.72 7.70 12.21
CA VAL B 60 -37.37 9.05 12.66
C VAL B 60 -37.37 9.18 14.20
N GLU B 61 -38.24 8.40 14.85
CA GLU B 61 -38.35 8.37 16.30
C GLU B 61 -37.07 7.83 16.96
N ASP B 62 -36.46 6.83 16.33
CA ASP B 62 -35.23 6.24 16.82
C ASP B 62 -34.02 7.18 16.67
N VAL B 63 -34.00 7.95 15.60
CA VAL B 63 -32.91 8.90 15.34
C VAL B 63 -32.87 9.99 16.41
N LEU B 64 -34.06 10.47 16.81
CA LEU B 64 -34.18 11.60 17.73
C LEU B 64 -33.93 11.22 19.20
N ALA B 65 -33.12 12.02 19.88
CA ALA B 65 -32.93 11.88 21.32
C ALA B 65 -34.14 12.44 22.06
N VAL B 66 -34.60 13.60 21.60
CA VAL B 66 -35.86 14.21 22.06
C VAL B 66 -36.67 14.73 20.87
N GLN B 67 -37.99 14.68 20.99
CA GLN B 67 -38.89 15.11 19.91
C GLN B 67 -39.22 16.59 20.06
N GLU B 68 -38.21 17.42 19.78
CA GLU B 68 -38.31 18.87 19.91
C GLU B 68 -37.36 19.52 18.91
N VAL B 69 -37.82 20.61 18.31
CA VAL B 69 -37.00 21.38 17.37
C VAL B 69 -36.54 22.67 18.05
N PHE B 70 -35.23 22.88 18.05
CA PHE B 70 -34.60 24.02 18.72
C PHE B 70 -34.15 25.08 17.72
N ARG B 71 -33.98 26.32 18.18
CA ARG B 71 -33.24 27.34 17.44
C ARG B 71 -31.75 27.24 17.78
N ASP B 72 -31.46 26.90 19.04
CA ASP B 72 -30.12 26.63 19.52
C ASP B 72 -30.21 25.46 20.52
N ALA B 73 -29.94 24.25 20.02
CA ALA B 73 -30.10 23.02 20.79
C ALA B 73 -29.27 23.04 22.07
N ARG B 74 -27.98 23.31 21.96
CA ARG B 74 -27.10 23.31 23.12
C ARG B 74 -27.52 24.31 24.18
N LYS B 75 -27.92 25.51 23.75
CA LYS B 75 -28.40 26.54 24.67
C LYS B 75 -29.79 26.23 25.22
N GLY B 76 -30.47 25.26 24.63
CA GLY B 76 -31.82 24.88 25.06
C GLY B 76 -32.88 25.90 24.67
N ASP B 77 -32.73 26.49 23.48
CA ASP B 77 -33.69 27.45 22.95
C ASP B 77 -34.63 26.83 21.93
N LYS B 78 -35.91 26.73 22.28
CA LYS B 78 -36.92 26.13 21.41
C LYS B 78 -37.20 27.00 20.18
N ALA B 79 -37.30 26.37 19.01
CA ALA B 79 -37.72 27.07 17.79
C ALA B 79 -39.20 27.48 17.90
N SER B 80 -39.50 28.68 17.41
N SER B 80 -39.51 28.67 17.42
CA SER B 80 -40.87 29.20 17.44
CA SER B 80 -40.88 29.19 17.47
C SER B 80 -41.75 28.48 16.43
C SER B 80 -41.75 28.50 16.43
N GLU B 81 -43.04 28.40 16.72
CA GLU B 81 -44.00 27.72 15.84
C GLU B 81 -44.13 28.41 14.48
N GLU B 82 -44.08 29.73 14.49
CA GLU B 82 -44.22 30.56 13.30
C GLU B 82 -43.04 30.35 12.34
N ALA B 83 -41.84 30.20 12.92
CA ALA B 83 -40.64 29.92 12.13
C ALA B 83 -40.74 28.55 11.45
N MET B 84 -41.24 27.55 12.19
CA MET B 84 -41.39 26.19 11.67
C MET B 84 -42.48 26.10 10.60
N ARG B 85 -43.60 26.78 10.84
CA ARG B 85 -44.72 26.79 9.90
C ARG B 85 -44.34 27.47 8.58
N LYS B 86 -43.53 28.52 8.66
CA LYS B 86 -43.15 29.29 7.47
C LYS B 86 -42.05 28.60 6.64
N VAL B 87 -41.33 27.68 7.27
CA VAL B 87 -40.25 26.96 6.60
C VAL B 87 -40.69 25.55 6.18
N PHE B 88 -41.36 24.84 7.09
CA PHE B 88 -41.69 23.43 6.88
C PHE B 88 -43.16 23.16 6.56
N GLU B 89 -44.00 24.20 6.69
CA GLU B 89 -45.46 24.07 6.54
C GLU B 89 -46.08 23.20 7.64
N THR B 90 -45.29 22.95 8.71
CA THR B 90 -45.70 22.12 9.83
C THR B 90 -44.84 22.37 11.06
N ALA B 91 -45.47 22.32 12.24
CA ALA B 91 -44.77 22.48 13.52
C ALA B 91 -44.54 21.15 14.24
N ASP B 92 -44.92 20.06 13.58
CA ASP B 92 -44.76 18.71 14.12
C ASP B 92 -43.28 18.28 14.09
N PRO B 93 -42.71 17.95 15.27
CA PRO B 93 -41.30 17.52 15.35
C PRO B 93 -41.01 16.26 14.52
N LEU B 94 -41.98 15.35 14.43
CA LEU B 94 -41.82 14.13 13.64
C LEU B 94 -41.87 14.40 12.14
N GLU B 95 -42.42 15.56 11.78
CA GLU B 95 -42.53 15.99 10.38
C GLU B 95 -41.32 16.81 9.96
N VAL B 96 -40.85 17.66 10.87
CA VAL B 96 -39.76 18.60 10.61
C VAL B 96 -38.41 17.89 10.46
N THR B 97 -38.14 16.96 11.39
CA THR B 97 -36.86 16.24 11.47
C THR B 97 -36.38 15.57 10.15
N PRO B 98 -37.26 14.81 9.47
CA PRO B 98 -36.83 14.20 8.21
C PRO B 98 -36.25 15.20 7.22
N VAL B 99 -36.88 16.37 7.11
CA VAL B 99 -36.42 17.46 6.26
C VAL B 99 -35.04 17.97 6.70
N ILE B 100 -34.86 18.13 8.01
CA ILE B 100 -33.58 18.54 8.60
C ILE B 100 -32.45 17.56 8.24
N LEU B 101 -32.72 16.26 8.40
CA LEU B 101 -31.75 15.20 8.11
C LEU B 101 -31.42 15.06 6.63
N ARG B 102 -32.43 15.25 5.78
CA ARG B 102 -32.22 15.12 4.35
C ARG B 102 -31.58 16.38 3.75
N ARG B 103 -31.97 17.55 4.25
CA ARG B 103 -31.56 18.82 3.63
C ARG B 103 -30.48 19.60 4.38
N GLY B 104 -30.33 19.31 5.66
CA GLY B 104 -29.39 20.05 6.50
C GLY B 104 -28.07 19.36 6.74
N THR B 105 -27.40 19.76 7.82
CA THR B 105 -26.07 19.26 8.14
C THR B 105 -26.02 18.62 9.53
N ILE B 106 -24.93 17.91 9.79
CA ILE B 106 -24.66 17.36 11.12
C ILE B 106 -23.54 18.19 11.74
N GLN B 107 -23.73 18.61 12.98
CA GLN B 107 -22.78 19.46 13.65
C GLN B 107 -22.16 18.71 14.81
N LEU B 108 -20.87 18.40 14.69
CA LEU B 108 -20.13 17.72 15.75
C LEU B 108 -19.23 18.71 16.47
N THR B 109 -19.06 18.50 17.78
CA THR B 109 -18.08 19.28 18.54
C THR B 109 -16.70 18.71 18.18
N ALA B 110 -15.65 19.46 18.45
CA ALA B 110 -14.29 19.01 18.13
C ALA B 110 -13.98 17.67 18.80
N GLU B 111 -14.43 17.50 20.03
CA GLU B 111 -14.18 16.27 20.79
C GLU B 111 -14.97 15.09 20.25
N GLN B 112 -16.20 15.36 19.80
CA GLN B 112 -17.06 14.31 19.27
C GLN B 112 -16.50 13.78 17.97
N ARG B 113 -16.07 14.69 17.09
CA ARG B 113 -15.46 14.25 15.81
C ARG B 113 -14.21 13.41 16.08
N ARG B 114 -13.34 13.90 16.96
CA ARG B 114 -12.10 13.17 17.31
C ARG B 114 -12.40 11.77 17.84
N GLN B 115 -13.31 11.70 18.80
CA GLN B 115 -13.74 10.46 19.43
C GLN B 115 -14.35 9.48 18.45
N MET B 116 -15.27 9.97 17.61
CA MET B 116 -15.90 9.13 16.58
C MET B 116 -14.89 8.58 15.60
N ILE B 117 -13.96 9.44 15.18
CA ILE B 117 -12.93 9.01 14.24
C ILE B 117 -12.02 7.98 14.89
N GLU B 118 -11.62 8.24 16.14
CA GLU B 118 -10.74 7.30 16.84
C GLU B 118 -11.40 5.95 17.05
N ASP B 119 -12.67 5.97 17.48
CA ASP B 119 -13.43 4.73 17.69
CA ASP B 119 -13.45 4.74 17.69
C ASP B 119 -13.52 3.91 16.40
N LYS B 120 -13.88 4.57 15.30
CA LYS B 120 -13.97 3.89 14.01
C LYS B 120 -12.61 3.41 13.52
N ARG B 121 -11.58 4.24 13.67
CA ARG B 121 -10.21 3.87 13.27
C ARG B 121 -9.74 2.58 13.94
N LEU B 122 -9.89 2.47 15.26
CA LEU B 122 -9.47 1.26 15.97
C LEU B 122 -10.26 0.04 15.48
N LYS B 123 -11.58 0.19 15.32
CA LYS B 123 -12.43 -0.91 14.84
C LYS B 123 -12.03 -1.31 13.42
N ILE B 124 -11.68 -0.34 12.60
CA ILE B 124 -11.23 -0.61 11.23
C ILE B 124 -9.91 -1.40 11.22
N ILE B 125 -8.95 -0.96 12.03
CA ILE B 125 -7.65 -1.63 12.13
C ILE B 125 -7.84 -3.09 12.56
N ASN B 126 -8.64 -3.28 13.59
CA ASN B 126 -8.88 -4.62 14.13
C ASN B 126 -9.62 -5.53 13.17
N LYS B 127 -10.59 -4.99 12.45
CA LYS B 127 -11.34 -5.78 11.48
C LYS B 127 -10.46 -6.19 10.30
N ILE B 128 -9.65 -5.27 9.81
CA ILE B 128 -8.71 -5.61 8.74
C ILE B 128 -7.71 -6.69 9.22
N ALA B 129 -7.27 -6.58 10.47
CA ALA B 129 -6.36 -7.58 11.05
C ALA B 129 -6.95 -8.98 10.98
N ARG B 130 -8.27 -9.10 11.19
CA ARG B 130 -8.96 -10.39 11.22
C ARG B 130 -9.32 -10.91 9.83
N GLU B 131 -9.75 -10.02 8.95
CA GLU B 131 -10.38 -10.39 7.68
C GLU B 131 -9.40 -10.51 6.53
N ALA B 132 -8.20 -9.94 6.71
CA ALA B 132 -7.22 -9.87 5.63
C ALA B 132 -6.03 -10.73 5.91
N ILE B 133 -5.43 -11.19 4.82
CA ILE B 133 -4.22 -11.99 4.86
CA ILE B 133 -4.22 -11.97 4.90
C ILE B 133 -3.12 -11.30 4.09
N ASN B 134 -1.87 -11.55 4.48
CA ASN B 134 -0.72 -11.20 3.68
C ASN B 134 -0.54 -12.36 2.68
N PRO B 135 -0.77 -12.10 1.38
CA PRO B 135 -0.73 -13.21 0.43
C PRO B 135 0.67 -13.80 0.24
N GLN B 136 1.69 -13.10 0.75
CA GLN B 136 3.07 -13.59 0.64
C GLN B 136 3.42 -14.68 1.64
N ASN B 137 2.78 -14.68 2.81
CA ASN B 137 3.09 -15.68 3.83
C ASN B 137 1.86 -16.31 4.52
N GLY B 138 0.66 -15.95 4.07
CA GLY B 138 -0.60 -16.44 4.64
C GLY B 138 -0.78 -16.22 6.13
N LEU B 139 -0.15 -15.16 6.64
CA LEU B 139 -0.38 -14.75 8.01
C LEU B 139 -1.13 -13.45 7.97
N PRO B 140 -1.82 -13.11 9.07
CA PRO B 140 -2.38 -11.79 9.12
C PRO B 140 -1.24 -10.77 9.25
N HIS B 141 -1.56 -9.51 8.97
CA HIS B 141 -0.71 -8.42 9.37
C HIS B 141 -1.09 -8.04 10.79
N PRO B 142 -0.09 -7.79 11.65
CA PRO B 142 -0.38 -7.25 12.97
C PRO B 142 -1.07 -5.88 12.91
N PRO B 143 -1.94 -5.57 13.88
CA PRO B 143 -2.63 -4.28 13.94
C PRO B 143 -1.69 -3.08 13.83
N LYS B 144 -0.52 -3.15 14.47
CA LYS B 144 0.46 -2.05 14.41
C LYS B 144 0.98 -1.81 12.99
N ARG B 145 1.14 -2.88 12.23
CA ARG B 145 1.58 -2.80 10.83
C ARG B 145 0.51 -2.20 9.93
N ILE B 146 -0.74 -2.60 10.16
CA ILE B 146 -1.89 -2.01 9.46
C ILE B 146 -1.96 -0.51 9.74
N GLU B 147 -1.84 -0.13 11.01
CA GLU B 147 -1.88 1.26 11.41
C GLU B 147 -0.78 2.07 10.72
N LYS B 148 0.43 1.51 10.69
CA LYS B 148 1.60 2.18 10.09
C LYS B 148 1.37 2.41 8.60
N ALA B 149 0.83 1.40 7.91
CA ALA B 149 0.48 1.50 6.48
C ALA B 149 -0.58 2.56 6.23
N MET B 150 -1.57 2.65 7.11
CA MET B 150 -2.59 3.72 7.05
C MET B 150 -1.97 5.09 7.14
N GLU B 151 -1.07 5.27 8.12
CA GLU B 151 -0.36 6.54 8.30
C GLU B 151 0.49 6.87 7.08
N GLU B 152 1.18 5.86 6.56
CA GLU B 152 2.00 6.05 5.34
C GLU B 152 1.16 6.46 4.13
N ALA B 153 -0.02 5.85 3.98
CA ALA B 153 -0.92 6.16 2.87
C ALA B 153 -1.77 7.41 3.14
N ARG B 154 -1.56 8.03 4.29
CA ARG B 154 -2.31 9.21 4.75
C ARG B 154 -3.83 8.99 4.70
N VAL B 155 -4.26 7.82 5.19
CA VAL B 155 -5.67 7.47 5.33
C VAL B 155 -6.32 8.29 6.43
N HIS B 156 -7.45 8.90 6.10
CA HIS B 156 -8.26 9.60 7.08
C HIS B 156 -9.57 8.86 7.26
N VAL B 157 -9.88 8.51 8.49
CA VAL B 157 -11.08 7.73 8.79
C VAL B 157 -12.27 8.70 8.90
N ASP B 158 -13.39 8.34 8.26
CA ASP B 158 -14.60 9.16 8.31
C ASP B 158 -15.34 8.97 9.63
N PRO B 159 -15.90 10.05 10.22
CA PRO B 159 -16.65 9.85 11.46
C PRO B 159 -18.01 9.17 11.25
N PHE B 160 -18.55 9.21 10.03
CA PHE B 160 -19.93 8.77 9.79
C PHE B 160 -20.09 7.43 9.07
N LYS B 161 -19.22 7.15 8.11
CA LYS B 161 -19.35 5.89 7.37
C LYS B 161 -19.16 4.74 8.35
N THR B 162 -19.94 3.66 8.17
CA THR B 162 -19.79 2.50 9.03
C THR B 162 -18.41 1.89 8.84
N VAL B 163 -18.00 1.10 9.83
CA VAL B 163 -16.73 0.36 9.75
C VAL B 163 -16.71 -0.49 8.49
N ASP B 164 -17.80 -1.20 8.19
CA ASP B 164 -17.79 -2.12 7.06
C ASP B 164 -17.63 -1.42 5.72
N GLU B 165 -18.18 -0.21 5.59
CA GLU B 165 -17.88 0.55 4.38
C GLU B 165 -16.41 0.94 4.35
N GLN B 166 -15.93 1.48 5.45
CA GLN B 166 -14.58 2.02 5.45
C GLN B 166 -13.48 0.98 5.26
N VAL B 167 -13.71 -0.26 5.67
CA VAL B 167 -12.63 -1.24 5.58
C VAL B 167 -12.20 -1.44 4.13
N ASN B 168 -13.14 -1.39 3.18
CA ASN B 168 -12.80 -1.57 1.76
C ASN B 168 -11.92 -0.42 1.23
N ILE B 169 -12.33 0.78 1.61
CA ILE B 169 -11.65 2.03 1.27
C ILE B 169 -10.21 2.03 1.82
N VAL B 170 -10.11 1.69 3.10
CA VAL B 170 -8.86 1.68 3.80
C VAL B 170 -7.94 0.59 3.25
N LEU B 171 -8.49 -0.60 3.01
CA LEU B 171 -7.66 -1.68 2.48
C LEU B 171 -7.08 -1.33 1.12
N LYS B 172 -7.90 -0.70 0.28
CA LYS B 172 -7.46 -0.24 -1.03
C LYS B 172 -6.28 0.72 -0.88
N ALA B 173 -6.39 1.64 0.08
CA ALA B 173 -5.31 2.61 0.31
C ALA B 173 -4.04 1.93 0.81
N ILE B 174 -4.17 0.99 1.75
CA ILE B 174 -2.95 0.43 2.32
C ILE B 174 -2.30 -0.65 1.49
N ARG B 175 -3.05 -1.20 0.53
CA ARG B 175 -2.48 -2.10 -0.45
C ARG B 175 -1.42 -1.39 -1.32
N THR B 176 -1.45 -0.05 -1.35
CA THR B 176 -0.38 0.67 -2.04
C THR B 176 0.94 0.57 -1.25
N LYS B 177 0.86 0.04 -0.01
CA LYS B 177 2.01 0.01 0.92
C LYS B 177 2.43 -1.39 1.35
N ILE B 178 1.46 -2.28 1.56
CA ILE B 178 1.72 -3.68 1.96
C ILE B 178 0.86 -4.65 1.17
N PRO B 179 1.40 -5.85 0.84
CA PRO B 179 0.52 -6.83 0.20
C PRO B 179 -0.56 -7.30 1.17
N ILE B 180 -1.81 -7.22 0.74
CA ILE B 180 -2.92 -7.50 1.65
C ILE B 180 -4.19 -7.78 0.84
N LYS B 181 -4.91 -8.83 1.22
CA LYS B 181 -6.16 -9.24 0.56
C LYS B 181 -7.19 -9.63 1.58
N PHE B 182 -8.44 -9.20 1.38
CA PHE B 182 -9.57 -9.75 2.14
C PHE B 182 -9.88 -11.12 1.58
N GLU B 183 -9.98 -12.13 2.45
CA GLU B 183 -10.50 -13.42 1.99
C GLU B 183 -11.14 -14.18 3.13
N LYS B 184 -12.11 -15.03 2.77
CA LYS B 184 -12.68 -15.99 3.72
C LYS B 184 -12.07 -17.36 3.44
N VAL B 185 -11.92 -18.17 4.47
CA VAL B 185 -11.41 -19.52 4.27
C VAL B 185 -12.48 -20.52 4.68
N ARG B 186 -12.75 -21.50 3.81
CA ARG B 186 -13.68 -22.57 4.15
C ARG B 186 -12.85 -23.81 4.36
N VAL B 187 -13.08 -24.49 5.49
CA VAL B 187 -12.33 -25.71 5.80
CA VAL B 187 -12.34 -25.71 5.75
C VAL B 187 -13.28 -26.74 6.38
N ALA B 188 -13.19 -27.97 5.89
CA ALA B 188 -13.90 -29.09 6.51
C ALA B 188 -12.90 -29.74 7.47
N ILE B 189 -13.14 -29.60 8.76
CA ILE B 189 -12.28 -30.21 9.77
C ILE B 189 -12.94 -31.47 10.32
N LYS B 190 -12.13 -32.45 10.68
CA LYS B 190 -12.65 -33.66 11.24
C LYS B 190 -11.96 -33.87 12.57
N ILE B 191 -12.76 -33.96 13.62
CA ILE B 191 -12.18 -34.16 14.92
C ILE B 191 -12.91 -35.24 15.70
N PRO B 192 -12.24 -35.79 16.73
CA PRO B 192 -12.83 -36.80 17.57
C PRO B 192 -14.09 -36.28 18.27
N GLY B 193 -15.13 -37.12 18.32
CA GLY B 193 -16.42 -36.67 18.85
C GLY B 193 -16.40 -36.20 20.29
N GLU B 194 -15.44 -36.72 21.05
CA GLU B 194 -15.32 -36.38 22.48
CA GLU B 194 -15.25 -36.38 22.48
C GLU B 194 -14.92 -34.90 22.69
N MET B 195 -14.49 -34.23 21.62
CA MET B 195 -14.14 -32.80 21.67
C MET B 195 -15.07 -31.93 20.85
N ALA B 196 -16.15 -32.51 20.34
CA ALA B 196 -17.06 -31.76 19.47
C ALA B 196 -17.72 -30.58 20.18
N GLY B 197 -18.03 -30.78 21.46
CA GLY B 197 -18.65 -29.73 22.30
C GLY B 197 -17.75 -28.52 22.39
N SER B 198 -16.52 -28.74 22.86
CA SER B 198 -15.53 -27.65 22.97
CA SER B 198 -15.56 -27.64 22.98
C SER B 198 -15.19 -27.04 21.62
N ALA B 199 -15.03 -27.88 20.60
CA ALA B 199 -14.68 -27.38 19.27
C ALA B 199 -15.73 -26.50 18.66
N TYR B 200 -17.00 -26.86 18.86
CA TYR B 200 -18.09 -26.00 18.39
C TYR B 200 -17.97 -24.59 18.99
N GLY B 201 -17.63 -24.52 20.28
CA GLY B 201 -17.42 -23.23 20.96
C GLY B 201 -16.28 -22.44 20.35
N VAL B 202 -15.14 -23.10 20.12
CA VAL B 202 -14.02 -22.45 19.40
C VAL B 202 -14.42 -21.94 18.01
N ILE B 203 -15.00 -22.81 17.18
CA ILE B 203 -15.45 -22.42 15.84
C ILE B 203 -16.34 -21.18 15.88
N SER B 204 -17.29 -21.16 16.82
CA SER B 204 -18.18 -20.04 17.00
C SER B 204 -17.42 -18.73 17.22
N ASN B 205 -16.32 -18.82 17.97
CA ASN B 205 -15.52 -17.62 18.29
C ASN B 205 -14.78 -17.11 17.06
N PHE B 206 -14.35 -18.04 16.22
CA PHE B 206 -13.56 -17.75 15.02
C PHE B 206 -14.38 -17.43 13.78
N GLY B 207 -15.50 -18.12 13.60
CA GLY B 207 -16.28 -17.93 12.39
C GLY B 207 -17.62 -18.60 12.49
N LYS B 208 -18.00 -19.36 11.47
CA LYS B 208 -19.32 -19.99 11.49
C LYS B 208 -19.28 -21.39 10.92
N ILE B 209 -20.17 -22.25 11.40
CA ILE B 209 -20.31 -23.56 10.81
C ILE B 209 -21.37 -23.50 9.72
N THR B 210 -21.06 -24.06 8.55
CA THR B 210 -22.00 -24.05 7.43
C THR B 210 -22.57 -25.43 7.12
N ASN B 211 -21.92 -26.48 7.65
CA ASN B 211 -22.38 -27.85 7.43
C ASN B 211 -21.75 -28.73 8.48
N GLU B 212 -22.45 -29.79 8.86
CA GLU B 212 -21.81 -30.77 9.74
C GLU B 212 -22.31 -32.18 9.48
N GLU B 213 -21.43 -33.14 9.75
CA GLU B 213 -21.75 -34.55 9.62
CA GLU B 213 -21.72 -34.56 9.60
C GLU B 213 -21.15 -35.27 10.83
N TRP B 214 -21.91 -36.21 11.39
CA TRP B 214 -21.35 -37.05 12.44
C TRP B 214 -21.18 -38.41 11.82
N GLN B 215 -19.99 -39.00 11.99
CA GLN B 215 -19.76 -40.35 11.47
C GLN B 215 -20.11 -41.41 12.50
N ASN B 216 -20.30 -42.65 12.06
CA ASN B 216 -20.65 -43.71 13.02
C ASN B 216 -19.64 -43.86 14.15
N ASP B 217 -18.36 -43.66 13.85
CA ASP B 217 -17.31 -43.90 14.85
C ASP B 217 -17.23 -42.77 15.87
N GLY B 218 -18.13 -41.78 15.71
CA GLY B 218 -18.19 -40.65 16.61
C GLY B 218 -17.43 -39.44 16.12
N SER B 219 -16.74 -39.57 14.99
CA SER B 219 -16.04 -38.41 14.39
C SER B 219 -17.04 -37.33 14.02
N TRP B 220 -16.62 -36.07 14.18
CA TRP B 220 -17.47 -34.94 13.82
C TRP B 220 -16.76 -34.16 12.72
N ILE B 221 -17.45 -33.98 11.61
CA ILE B 221 -16.88 -33.21 10.50
C ILE B 221 -17.67 -31.93 10.37
N ALA B 222 -17.00 -30.79 10.53
CA ALA B 222 -17.67 -29.49 10.45
C ALA B 222 -17.03 -28.69 9.31
N VAL B 223 -17.86 -28.17 8.42
CA VAL B 223 -17.39 -27.21 7.42
C VAL B 223 -17.55 -25.84 8.05
N VAL B 224 -16.45 -25.11 8.09
CA VAL B 224 -16.43 -23.82 8.78
CA VAL B 224 -16.37 -23.83 8.82
C VAL B 224 -15.97 -22.73 7.83
N GLU B 225 -16.48 -21.52 8.03
CA GLU B 225 -15.94 -20.38 7.30
C GLU B 225 -15.34 -19.42 8.31
N ILE B 226 -14.08 -19.05 8.11
CA ILE B 226 -13.43 -18.10 9.01
C ILE B 226 -12.80 -16.96 8.22
N PRO B 227 -12.62 -15.81 8.87
CA PRO B 227 -11.87 -14.72 8.21
C PRO B 227 -10.44 -15.15 7.95
N GLY B 228 -9.88 -14.78 6.79
CA GLY B 228 -8.59 -15.30 6.37
C GLY B 228 -7.44 -14.99 7.31
N GLY B 229 -7.47 -13.82 7.94
CA GLY B 229 -6.46 -13.42 8.91
C GLY B 229 -6.44 -14.28 10.18
N LEU B 230 -7.45 -15.12 10.35
CA LEU B 230 -7.57 -15.96 11.55
C LEU B 230 -7.15 -17.41 11.32
N GLN B 231 -6.83 -17.72 10.07
CA GLN B 231 -6.55 -19.11 9.64
C GLN B 231 -5.46 -19.73 10.52
N ASP B 232 -4.36 -19.02 10.70
CA ASP B 232 -3.24 -19.54 11.45
C ASP B 232 -3.62 -19.81 12.91
N SER B 233 -4.26 -18.84 13.56
CA SER B 233 -4.66 -18.98 14.95
CA SER B 233 -4.63 -19.01 14.96
C SER B 233 -5.74 -20.05 15.15
N PHE B 234 -6.63 -20.17 14.18
CA PHE B 234 -7.70 -21.16 14.22
C PHE B 234 -7.12 -22.58 14.24
N TYR B 235 -6.25 -22.86 13.29
CA TYR B 235 -5.62 -24.19 13.19
C TYR B 235 -4.79 -24.52 14.43
N GLN B 236 -4.08 -23.53 14.95
CA GLN B 236 -3.27 -23.74 16.15
CA GLN B 236 -3.27 -23.72 16.16
C GLN B 236 -4.17 -24.08 17.33
N LYS B 237 -5.28 -23.35 17.46
CA LYS B 237 -6.21 -23.58 18.56
C LYS B 237 -6.83 -24.98 18.49
N LEU B 238 -7.23 -25.39 17.29
CA LEU B 238 -7.85 -26.70 17.08
C LEU B 238 -6.86 -27.83 17.39
N SER B 239 -5.61 -27.68 16.97
CA SER B 239 -4.57 -28.66 17.28
CA SER B 239 -4.57 -28.66 17.27
C SER B 239 -4.36 -28.79 18.78
N GLU B 240 -4.35 -27.65 19.47
CA GLU B 240 -4.20 -27.67 20.93
C GLU B 240 -5.36 -28.37 21.61
N LEU B 241 -6.58 -28.01 21.21
CA LEU B 241 -7.78 -28.60 21.79
C LEU B 241 -7.86 -30.12 21.58
N THR B 242 -7.45 -30.57 20.40
CA THR B 242 -7.64 -31.97 20.07
C THR B 242 -6.42 -32.85 20.33
N GLY B 243 -5.34 -32.26 20.81
CA GLY B 243 -4.09 -33.01 21.00
C GLY B 243 -3.49 -33.44 19.66
N GLY B 244 -3.71 -32.61 18.64
CA GLY B 244 -3.13 -32.81 17.32
C GLY B 244 -3.94 -33.75 16.44
N ASN B 245 -5.18 -34.03 16.86
CA ASN B 245 -6.07 -34.93 16.14
CA ASN B 245 -6.05 -34.94 16.11
C ASN B 245 -7.11 -34.16 15.34
N VAL B 246 -6.65 -33.29 14.46
CA VAL B 246 -7.50 -32.55 13.52
CA VAL B 246 -7.54 -32.63 13.52
C VAL B 246 -7.08 -32.93 12.11
N GLU B 247 -8.02 -33.41 11.30
CA GLU B 247 -7.72 -33.68 9.92
C GLU B 247 -8.58 -32.74 9.12
N THR B 248 -8.19 -32.49 7.88
CA THR B 248 -9.05 -31.70 7.00
C THR B 248 -9.51 -32.58 5.85
N ARG B 249 -10.63 -32.20 5.25
CA ARG B 249 -11.23 -33.02 4.22
C ARG B 249 -11.63 -32.15 3.04
N LEU B 250 -11.66 -32.76 1.86
CA LEU B 250 -12.01 -32.00 0.67
C LEU B 250 -13.49 -31.59 0.74
N ILE B 251 -13.74 -30.30 0.54
CA ILE B 251 -15.11 -29.79 0.49
C ILE B 251 -15.63 -30.02 -0.92
N LYS B 252 -16.74 -30.74 -1.00
CA LYS B 252 -17.47 -30.89 -2.25
C LYS B 252 -18.97 -30.99 -1.94
C1 GOL C . 40.76 -7.41 -11.39
O1 GOL C . 39.49 -6.83 -11.65
C2 GOL C . 40.64 -8.31 -10.17
O2 GOL C . 40.16 -9.57 -10.59
C3 GOL C . 42.00 -8.47 -9.50
O3 GOL C . 42.86 -9.20 -10.35
C1 GOL D . 28.76 -1.42 -16.57
O1 GOL D . 28.18 -0.35 -17.28
C2 GOL D . 29.31 -2.43 -17.58
O2 GOL D . 30.70 -2.21 -17.72
C3 GOL D . 29.09 -3.86 -17.11
O3 GOL D . 27.73 -4.09 -16.78
C1 GOL E . 50.97 13.21 -14.87
O1 GOL E . 52.03 14.09 -15.21
C2 GOL E . 49.73 13.99 -14.45
O2 GOL E . 49.81 15.25 -15.07
C3 GOL E . 48.46 13.32 -14.95
O3 GOL E . 48.12 12.17 -14.19
C1 GOL F . 48.86 9.69 -19.36
O1 GOL F . 48.56 10.20 -20.66
C2 GOL F . 47.56 9.29 -18.65
O2 GOL F . 46.96 8.21 -19.32
C3 GOL F . 47.83 8.89 -17.21
O3 GOL F . 46.82 9.50 -16.43
C1 GOL G . -16.95 -31.93 3.80
O1 GOL G . -15.76 -32.64 3.53
C2 GOL G . -17.98 -32.02 2.68
O2 GOL G . -17.44 -32.61 1.50
C3 GOL G . -18.39 -30.60 2.32
O3 GOL G . -19.77 -30.59 2.21
C1 GOL H . -17.52 -15.01 7.84
O1 GOL H . -16.15 -15.20 8.09
C2 GOL H . -18.32 -15.70 8.93
O2 GOL H . -17.41 -16.38 9.76
C3 GOL H . -19.10 -14.67 9.73
O3 GOL H . -19.34 -15.18 11.02
S SO4 I . -12.71 -4.58 17.87
O1 SO4 I . -11.91 -5.37 18.81
O2 SO4 I . -12.96 -5.37 16.68
O3 SO4 I . -14.00 -4.23 18.48
O4 SO4 I . -11.99 -3.35 17.54
S SO4 J . -21.42 26.90 14.63
O1 SO4 J . -22.42 26.56 15.63
O2 SO4 J . -20.58 25.74 14.39
O3 SO4 J . -22.08 27.27 13.37
O4 SO4 J . -20.62 28.03 15.09
CL CL K . -1.58 -7.27 -2.85
S SO4 L . -17.86 1.76 -3.11
O1 SO4 L . -18.17 1.22 -1.79
O2 SO4 L . -18.24 0.78 -4.11
O3 SO4 L . -18.57 3.03 -3.33
O4 SO4 L . -16.42 2.01 -3.24
#